data_5KTL
#
_entry.id   5KTL
#
_cell.length_a   75.727
_cell.length_b   154.347
_cell.length_c   55.795
_cell.angle_alpha   90.00
_cell.angle_beta   90.00
_cell.angle_gamma   90.00
#
_symmetry.space_group_name_H-M   'P 21 21 2'
#
loop_
_entity.id
_entity.type
_entity.pdbx_description
1 polymer '4-hydroxy-tetrahydrodipicolinate synthase'
2 non-polymer 'MANGANESE (II) ION'
3 water water
#
_entity_poly.entity_id   1
_entity_poly.type   'polypeptide(L)'
_entity_poly.pdbx_seq_one_letter_code
;MRGSHHHHHHGMASMTGGQQMGRDLYDDDDKDRWGSVGDFGTVLTAMITPFKADGSVNYAVAAELAAHLVDNGTDTLVVC
GTTGESPTLSWDEEYNLFVEVLQTVAGKAKVIAGCGSNSTKEAIAATQKAAKIGVHGTLQVVPYYNKPPQAGLYQHFQAI
AQACPDLPLLLYNVPGRTGQNLSPETVVRLAEIDNIIGV(KPI)EASGNLDQAGEIRRSTPKEFQIYAGDDSLTLPLLAI
GAKGVVSVASHLVGNQLQQMIQAFNSGQVTVASDIHLRLLPLFKALFITTNPIPIKQALKLQGWEVGSTRPPLSDADAEV
SQKLEAVMKHLNLI
;
_entity_poly.pdbx_strand_id   A,B
#
loop_
_chem_comp.id
_chem_comp.type
_chem_comp.name
_chem_comp.formula
MN non-polymer 'MANGANESE (II) ION' 'Mn 2'
#
# COMPACT_ATOMS: atom_id res chain seq x y z
N SER A 36 29.20 -11.69 -10.57
CA SER A 36 29.09 -11.06 -11.91
C SER A 36 27.62 -10.66 -12.22
N VAL A 37 26.68 -11.62 -12.12
CA VAL A 37 25.28 -11.38 -12.55
C VAL A 37 24.54 -10.38 -11.60
N GLY A 38 24.67 -10.59 -10.28
CA GLY A 38 24.18 -9.63 -9.27
C GLY A 38 24.96 -8.31 -9.07
N ASP A 39 25.92 -8.05 -9.95
CA ASP A 39 26.71 -6.86 -9.83
C ASP A 39 26.13 -5.72 -10.62
N PHE A 40 25.52 -4.78 -9.91
CA PHE A 40 24.89 -3.60 -10.52
C PHE A 40 25.64 -2.32 -10.29
N GLY A 41 26.82 -2.41 -9.67
CA GLY A 41 27.55 -1.19 -9.34
C GLY A 41 27.05 -0.63 -8.05
N THR A 42 27.23 0.67 -7.88
CA THR A 42 27.03 1.33 -6.60
C THR A 42 25.95 2.43 -6.63
N VAL A 43 25.76 3.07 -7.77
CA VAL A 43 24.68 3.99 -7.97
C VAL A 43 23.61 3.36 -8.95
N LEU A 44 22.50 3.00 -8.37
CA LEU A 44 21.30 2.52 -9.09
C LEU A 44 20.34 3.68 -9.05
N THR A 45 19.92 4.21 -10.19
CA THR A 45 19.00 5.31 -10.19
C THR A 45 17.61 4.82 -10.48
N ALA A 46 16.67 5.18 -9.59
CA ALA A 46 15.23 4.90 -9.72
C ALA A 46 14.71 6.00 -10.56
N MET A 47 14.67 5.75 -11.85
CA MET A 47 14.40 6.79 -12.80
C MET A 47 12.92 7.20 -12.76
N ILE A 48 12.66 8.51 -12.93
CA ILE A 48 11.35 9.04 -13.07
C ILE A 48 10.76 8.55 -14.42
N THR A 49 9.43 8.60 -14.51
CA THR A 49 8.75 8.34 -15.77
C THR A 49 8.24 9.68 -16.29
N PRO A 50 8.83 10.20 -17.38
CA PRO A 50 8.29 11.47 -17.88
C PRO A 50 6.97 11.32 -18.66
N PHE A 51 6.11 12.32 -18.53
CA PHE A 51 4.82 12.34 -19.22
C PHE A 51 4.71 13.59 -20.09
N LYS A 52 4.01 13.47 -21.20
CA LYS A 52 3.73 14.60 -22.04
C LYS A 52 2.62 15.38 -21.40
N ALA A 53 2.30 16.51 -21.99
CA ALA A 53 1.24 17.39 -21.51
C ALA A 53 -0.09 16.67 -21.45
N ASP A 54 -0.35 15.78 -22.39
CA ASP A 54 -1.57 15.00 -22.27
C ASP A 54 -1.56 13.85 -21.25
N GLY A 55 -0.50 13.67 -20.49
CA GLY A 55 -0.46 12.56 -19.50
C GLY A 55 0.10 11.24 -20.01
N SER A 56 0.23 11.09 -21.34
CA SER A 56 0.82 9.92 -21.86
C SER A 56 2.37 9.89 -21.59
N VAL A 57 2.94 8.69 -21.53
CA VAL A 57 4.34 8.50 -21.32
C VAL A 57 5.17 9.11 -22.45
N ASN A 58 6.21 9.82 -22.06
CA ASN A 58 7.08 10.43 -23.03
C ASN A 58 8.32 9.58 -23.23
N TYR A 59 8.26 8.73 -24.23
CA TYR A 59 9.30 7.73 -24.44
C TYR A 59 10.59 8.33 -24.96
N ALA A 60 10.46 9.44 -25.67
CA ALA A 60 11.61 10.15 -26.21
C ALA A 60 12.44 10.75 -25.08
N VAL A 61 11.77 11.48 -24.17
CA VAL A 61 12.45 11.99 -22.96
C VAL A 61 12.94 10.85 -22.05
N ALA A 62 12.16 9.79 -21.88
CA ALA A 62 12.69 8.64 -21.14
C ALA A 62 14.06 8.21 -21.64
N ALA A 63 14.16 8.03 -22.96
CA ALA A 63 15.41 7.58 -23.58
C ALA A 63 16.53 8.57 -23.37
N GLU A 64 16.21 9.81 -23.57
CA GLU A 64 17.16 10.84 -23.45
C GLU A 64 17.64 10.99 -21.98
N LEU A 65 16.72 10.89 -21.01
CA LEU A 65 17.09 10.93 -19.63
C LEU A 65 17.92 9.70 -19.26
N ALA A 66 17.52 8.54 -19.71
CA ALA A 66 18.31 7.32 -19.43
C ALA A 66 19.79 7.43 -19.89
N ALA A 67 19.97 7.94 -21.10
CA ALA A 67 21.30 8.11 -21.69
C ALA A 67 22.07 9.17 -20.91
N HIS A 68 21.43 10.25 -20.55
CA HIS A 68 22.10 11.22 -19.72
C HIS A 68 22.58 10.66 -18.41
N LEU A 69 21.71 9.95 -17.69
CA LEU A 69 22.02 9.42 -16.40
C LEU A 69 23.23 8.48 -16.44
N VAL A 70 23.25 7.67 -17.45
CA VAL A 70 24.20 6.59 -17.51
C VAL A 70 25.53 7.21 -17.94
N ASP A 71 25.50 8.44 -18.47
CA ASP A 71 26.75 9.07 -18.73
C ASP A 71 27.18 9.90 -17.57
N ASN A 72 26.36 9.99 -16.53
CA ASN A 72 26.64 10.92 -15.43
C ASN A 72 26.45 10.32 -14.09
N GLY A 73 26.99 9.15 -13.88
CA GLY A 73 27.07 8.65 -12.52
C GLY A 73 26.27 7.42 -12.23
N THR A 74 25.32 7.09 -13.10
CA THR A 74 24.42 5.97 -12.82
C THR A 74 25.05 4.72 -13.38
N ASP A 75 25.17 3.68 -12.55
CA ASP A 75 25.70 2.41 -13.05
C ASP A 75 24.59 1.54 -13.63
N THR A 76 23.43 1.56 -12.95
CA THR A 76 22.31 0.70 -13.29
C THR A 76 21.01 1.50 -13.17
N LEU A 77 20.05 1.31 -14.06
CA LEU A 77 18.81 2.06 -13.99
C LEU A 77 17.76 1.11 -13.49
N VAL A 78 16.99 1.57 -12.49
CA VAL A 78 15.82 0.90 -11.95
C VAL A 78 14.64 1.61 -12.54
N VAL A 79 13.86 0.88 -13.34
CA VAL A 79 12.80 1.44 -14.13
C VAL A 79 11.44 1.04 -13.57
N CYS A 80 10.54 2.01 -13.56
CA CYS A 80 9.23 1.79 -12.95
C CYS A 80 9.31 1.29 -11.49
N GLY A 81 10.18 1.91 -10.69
CA GLY A 81 10.06 1.77 -9.24
C GLY A 81 9.00 2.74 -8.72
N THR A 82 9.08 3.03 -7.44
CA THR A 82 8.17 3.99 -6.83
C THR A 82 8.40 5.37 -7.46
N THR A 83 9.67 5.71 -7.68
CA THR A 83 10.05 6.98 -8.25
C THR A 83 9.55 7.14 -9.67
N GLY A 84 9.35 6.04 -10.33
CA GLY A 84 8.83 6.03 -11.72
C GLY A 84 7.34 5.91 -11.81
N GLU A 85 6.65 6.10 -10.68
CA GLU A 85 5.20 6.16 -10.61
C GLU A 85 4.55 4.87 -11.09
N SER A 86 5.21 3.76 -10.79
CA SER A 86 4.68 2.48 -11.07
C SER A 86 3.15 2.36 -10.73
N PRO A 87 2.73 2.81 -9.57
CA PRO A 87 1.32 2.51 -9.30
C PRO A 87 0.31 3.00 -10.31
N THR A 88 0.56 4.12 -10.95
CA THR A 88 -0.37 4.68 -11.86
C THR A 88 -0.05 4.34 -13.30
N LEU A 89 0.98 3.56 -13.60
CA LEU A 89 1.23 3.22 -15.01
C LEU A 89 0.46 1.95 -15.43
N SER A 90 0.13 1.80 -16.71
CA SER A 90 -0.46 0.53 -17.11
C SER A 90 0.68 -0.46 -17.29
N TRP A 91 0.36 -1.74 -17.23
CA TRP A 91 1.33 -2.74 -17.54
C TRP A 91 1.94 -2.56 -18.92
N ASP A 92 1.16 -2.14 -19.89
CA ASP A 92 1.74 -1.88 -21.25
C ASP A 92 2.75 -0.74 -21.26
N GLU A 93 2.47 0.34 -20.53
CA GLU A 93 3.41 1.43 -20.40
C GLU A 93 4.68 0.96 -19.73
N GLU A 94 4.58 0.07 -18.75
CA GLU A 94 5.80 -0.44 -18.06
C GLU A 94 6.61 -1.33 -18.96
N TYR A 95 5.94 -2.24 -19.63
CA TYR A 95 6.62 -3.07 -20.61
C TYR A 95 7.35 -2.17 -21.60
N ASN A 96 6.64 -1.18 -22.15
CA ASN A 96 7.26 -0.33 -23.16
C ASN A 96 8.50 0.40 -22.62
N LEU A 97 8.45 0.83 -21.36
CA LEU A 97 9.58 1.55 -20.73
C LEU A 97 10.74 0.65 -20.58
N PHE A 98 10.50 -0.57 -20.12
CA PHE A 98 11.57 -1.50 -19.95
C PHE A 98 12.32 -1.68 -21.30
N VAL A 99 11.56 -1.86 -22.38
CA VAL A 99 12.14 -2.10 -23.70
C VAL A 99 12.92 -0.92 -24.15
N GLU A 100 12.34 0.28 -24.02
CA GLU A 100 12.99 1.49 -24.48
C GLU A 100 14.28 1.81 -23.68
N VAL A 101 14.22 1.69 -22.34
CA VAL A 101 15.42 2.00 -21.57
C VAL A 101 16.52 0.97 -21.84
N LEU A 102 16.16 -0.30 -21.83
CA LEU A 102 17.12 -1.37 -22.06
C LEU A 102 17.85 -1.15 -23.37
N GLN A 103 17.08 -0.81 -24.40
CA GLN A 103 17.69 -0.72 -25.67
C GLN A 103 18.52 0.53 -25.69
N THR A 104 18.08 1.58 -25.03
CA THR A 104 18.81 2.82 -25.00
C THR A 104 20.18 2.69 -24.34
N VAL A 105 20.30 1.88 -23.31
CA VAL A 105 21.54 1.80 -22.58
C VAL A 105 22.27 0.46 -22.68
N ALA A 106 21.79 -0.45 -23.54
CA ALA A 106 22.44 -1.76 -23.70
C ALA A 106 23.92 -1.60 -24.03
N GLY A 107 24.75 -2.47 -23.50
CA GLY A 107 26.18 -2.27 -23.57
C GLY A 107 26.74 -1.32 -22.52
N LYS A 108 25.98 -0.34 -22.01
CA LYS A 108 26.52 0.62 -21.08
C LYS A 108 26.08 0.43 -19.65
N ALA A 109 24.89 -0.11 -19.43
CA ALA A 109 24.39 -0.23 -18.07
C ALA A 109 23.37 -1.26 -18.03
N LYS A 110 23.16 -1.76 -16.84
CA LYS A 110 22.07 -2.67 -16.61
C LYS A 110 20.72 -1.95 -16.30
N VAL A 111 19.64 -2.69 -16.51
CA VAL A 111 18.30 -2.27 -16.22
C VAL A 111 17.68 -3.29 -15.29
N ILE A 112 17.14 -2.79 -14.18
CA ILE A 112 16.30 -3.53 -13.27
C ILE A 112 14.90 -3.02 -13.40
N ALA A 113 14.00 -3.98 -13.56
CA ALA A 113 12.60 -3.71 -13.75
C ALA A 113 11.79 -3.82 -12.45
N GLY A 114 11.07 -2.75 -12.12
CA GLY A 114 10.10 -2.81 -10.99
C GLY A 114 8.95 -3.73 -11.38
N CYS A 115 8.80 -4.87 -10.71
CA CYS A 115 7.78 -5.83 -11.06
C CYS A 115 7.03 -6.32 -9.84
N GLY A 116 7.12 -5.62 -8.71
CA GLY A 116 6.55 -6.16 -7.49
C GLY A 116 5.06 -5.85 -7.36
N SER A 117 4.42 -6.48 -6.40
CA SER A 117 3.03 -6.27 -6.17
C SER A 117 2.68 -6.83 -4.82
N ASN A 118 1.52 -6.45 -4.33
CA ASN A 118 0.99 -7.12 -3.16
C ASN A 118 0.13 -8.38 -3.49
N SER A 119 0.10 -8.75 -4.77
CA SER A 119 -0.39 -10.02 -5.18
C SER A 119 0.79 -10.82 -5.74
N THR A 120 0.99 -12.01 -5.26
CA THR A 120 2.12 -12.79 -5.65
C THR A 120 1.96 -13.24 -7.10
N LYS A 121 0.73 -13.60 -7.49
CA LYS A 121 0.52 -14.01 -8.83
C LYS A 121 0.81 -12.86 -9.80
N GLU A 122 0.42 -11.66 -9.44
CA GLU A 122 0.71 -10.55 -10.32
C GLU A 122 2.24 -10.34 -10.44
N ALA A 123 2.97 -10.41 -9.31
CA ALA A 123 4.42 -10.19 -9.35
C ALA A 123 5.12 -11.20 -10.20
N ILE A 124 4.65 -12.44 -10.12
CA ILE A 124 5.21 -13.50 -10.93
C ILE A 124 5.01 -13.25 -12.41
N ALA A 125 3.79 -12.87 -12.77
CA ALA A 125 3.49 -12.64 -14.17
C ALA A 125 4.29 -11.43 -14.70
N ALA A 126 4.42 -10.40 -13.87
CA ALA A 126 5.19 -9.27 -14.34
C ALA A 126 6.69 -9.65 -14.47
N THR A 127 7.18 -10.47 -13.57
CA THR A 127 8.56 -10.89 -13.56
C THR A 127 8.86 -11.78 -14.78
N GLN A 128 7.97 -12.70 -15.10
CA GLN A 128 8.12 -13.54 -16.30
C GLN A 128 8.25 -12.75 -17.55
N LYS A 129 7.47 -11.70 -17.65
CA LYS A 129 7.49 -10.88 -18.82
C LYS A 129 8.69 -10.01 -18.90
N ALA A 130 9.14 -9.52 -17.74
CA ALA A 130 10.37 -8.72 -17.72
C ALA A 130 11.54 -9.55 -18.21
N ALA A 131 11.61 -10.78 -17.75
CA ALA A 131 12.67 -11.67 -18.10
C ALA A 131 12.75 -11.83 -19.64
N LYS A 132 11.64 -11.96 -20.36
CA LYS A 132 11.70 -12.10 -21.81
C LYS A 132 12.15 -10.83 -22.52
N ILE A 133 11.80 -9.69 -21.97
CA ILE A 133 12.33 -8.44 -22.47
C ILE A 133 13.86 -8.43 -22.43
N GLY A 134 14.47 -9.21 -21.53
CA GLY A 134 15.95 -9.20 -21.46
C GLY A 134 16.56 -8.26 -20.40
N VAL A 135 15.76 -7.82 -19.45
CA VAL A 135 16.29 -6.98 -18.34
C VAL A 135 17.21 -7.80 -17.46
N HIS A 136 18.02 -7.10 -16.66
CA HIS A 136 18.99 -7.79 -15.85
C HIS A 136 18.59 -8.14 -14.42
N GLY A 137 17.40 -7.75 -13.99
CA GLY A 137 16.96 -8.09 -12.67
C GLY A 137 15.58 -7.46 -12.44
N THR A 138 14.96 -7.82 -11.30
CA THR A 138 13.76 -7.19 -10.89
C THR A 138 13.91 -6.66 -9.48
N LEU A 139 13.18 -5.56 -9.26
CA LEU A 139 13.02 -4.95 -7.95
C LEU A 139 11.62 -5.31 -7.44
N GLN A 140 11.62 -5.93 -6.28
CA GLN A 140 10.41 -6.55 -5.67
C GLN A 140 10.11 -5.95 -4.33
N VAL A 141 9.17 -5.03 -4.34
CA VAL A 141 8.71 -4.42 -3.12
C VAL A 141 8.04 -5.42 -2.22
N VAL A 142 8.22 -5.23 -0.94
CA VAL A 142 7.39 -5.94 0.07
C VAL A 142 5.92 -5.59 -0.23
N PRO A 143 5.03 -6.57 -0.20
CA PRO A 143 3.58 -6.27 -0.39
C PRO A 143 3.05 -5.14 0.50
N TYR A 144 2.48 -4.15 -0.15
CA TYR A 144 1.92 -3.00 0.51
C TYR A 144 0.45 -3.30 0.85
N TYR A 145 -0.01 -2.61 1.89
CA TYR A 145 -1.42 -2.52 2.25
C TYR A 145 -1.93 -3.77 2.99
N ASN A 146 -1.64 -4.93 2.49
CA ASN A 146 -2.20 -6.14 3.14
C ASN A 146 -1.41 -6.72 4.23
N LYS A 147 -0.23 -6.18 4.51
CA LYS A 147 0.57 -6.56 5.70
C LYS A 147 0.77 -8.07 5.95
N PRO A 148 1.37 -8.77 5.01
CA PRO A 148 1.58 -10.22 5.25
C PRO A 148 2.55 -10.49 6.39
N PRO A 149 2.29 -11.56 7.18
CA PRO A 149 3.25 -11.98 8.18
C PRO A 149 4.53 -12.41 7.51
N GLN A 150 5.60 -12.51 8.30
CA GLN A 150 6.89 -12.90 7.75
C GLN A 150 6.85 -14.18 6.94
N ALA A 151 6.11 -15.17 7.37
CA ALA A 151 6.06 -16.46 6.65
C ALA A 151 5.46 -16.26 5.23
N GLY A 152 4.46 -15.40 5.16
CA GLY A 152 3.87 -15.01 3.91
C GLY A 152 4.86 -14.22 3.03
N LEU A 153 5.67 -13.36 3.64
CA LEU A 153 6.65 -12.59 2.86
C LEU A 153 7.74 -13.51 2.33
N TYR A 154 8.14 -14.48 3.14
CA TYR A 154 9.14 -15.43 2.70
C TYR A 154 8.61 -16.18 1.47
N GLN A 155 7.41 -16.73 1.57
CA GLN A 155 6.81 -17.48 0.47
C GLN A 155 6.58 -16.68 -0.77
N HIS A 156 6.17 -15.42 -0.61
CA HIS A 156 6.03 -14.48 -1.70
C HIS A 156 7.30 -14.34 -2.49
N PHE A 157 8.34 -13.92 -1.82
CA PHE A 157 9.61 -13.71 -2.49
C PHE A 157 10.21 -14.96 -3.08
N GLN A 158 10.10 -16.07 -2.36
CA GLN A 158 10.60 -17.32 -2.87
C GLN A 158 9.91 -17.74 -4.17
N ALA A 159 8.62 -17.53 -4.26
CA ALA A 159 7.87 -17.93 -5.43
C ALA A 159 8.20 -17.06 -6.62
N ILE A 160 8.47 -15.80 -6.38
CA ILE A 160 8.91 -14.92 -7.46
C ILE A 160 10.31 -15.33 -7.93
N ALA A 161 11.20 -15.56 -6.99
CA ALA A 161 12.55 -15.99 -7.31
C ALA A 161 12.53 -17.29 -8.15
N GLN A 162 11.70 -18.24 -7.75
CA GLN A 162 11.58 -19.52 -8.39
C GLN A 162 10.92 -19.44 -9.74
N ALA A 163 10.04 -18.48 -9.99
CA ALA A 163 9.44 -18.37 -11.30
C ALA A 163 10.46 -18.01 -12.38
N CYS A 164 11.52 -17.27 -12.05
CA CYS A 164 12.57 -16.96 -13.02
C CYS A 164 13.85 -17.12 -12.30
N PRO A 165 14.33 -18.38 -12.22
CA PRO A 165 15.40 -18.70 -11.32
C PRO A 165 16.73 -18.16 -11.73
N ASP A 166 16.86 -17.70 -12.97
CA ASP A 166 18.12 -17.12 -13.41
C ASP A 166 18.10 -15.59 -13.46
N LEU A 167 16.98 -14.96 -13.12
CA LEU A 167 16.90 -13.50 -13.11
C LEU A 167 17.21 -12.94 -11.69
N PRO A 168 18.27 -12.15 -11.54
CA PRO A 168 18.49 -11.57 -10.19
C PRO A 168 17.25 -10.80 -9.70
N LEU A 169 17.01 -10.86 -8.40
CA LEU A 169 15.88 -10.28 -7.70
C LEU A 169 16.43 -9.44 -6.53
N LEU A 170 16.12 -8.14 -6.55
CA LEU A 170 16.47 -7.25 -5.48
C LEU A 170 15.20 -7.00 -4.58
N LEU A 171 15.31 -7.37 -3.31
CA LEU A 171 14.25 -7.10 -2.31
C LEU A 171 14.13 -5.58 -2.12
N TYR A 172 12.95 -5.11 -1.78
CA TYR A 172 12.76 -3.68 -1.50
C TYR A 172 11.88 -3.52 -0.28
N ASN A 173 12.50 -3.06 0.80
CA ASN A 173 11.84 -2.90 2.08
C ASN A 173 11.64 -1.40 2.39
N VAL A 174 10.38 -0.95 2.47
CA VAL A 174 10.04 0.50 2.65
C VAL A 174 8.77 0.59 3.49
N PRO A 175 8.91 0.26 4.79
CA PRO A 175 7.78 0.10 5.71
C PRO A 175 6.89 1.33 5.79
N GLY A 176 7.47 2.50 5.67
CA GLY A 176 6.70 3.76 5.66
C GLY A 176 5.66 3.82 4.56
N ARG A 177 5.90 3.17 3.43
CA ARG A 177 4.91 3.09 2.37
C ARG A 177 4.05 1.83 2.37
N THR A 178 4.62 0.70 2.79
CA THR A 178 3.90 -0.56 2.67
C THR A 178 3.05 -0.88 3.87
N GLY A 179 3.47 -0.37 5.03
CA GLY A 179 2.87 -0.65 6.32
C GLY A 179 3.40 -1.94 6.91
N GLN A 180 4.42 -2.55 6.32
CA GLN A 180 5.02 -3.79 6.88
C GLN A 180 6.54 -3.77 6.66
N ASN A 181 7.23 -4.24 7.68
CA ASN A 181 8.67 -4.37 7.66
C ASN A 181 9.03 -5.82 7.37
N LEU A 182 10.02 -5.96 6.48
CA LEU A 182 10.64 -7.25 6.22
C LEU A 182 11.76 -7.49 7.27
N SER A 183 11.61 -8.52 8.10
CA SER A 183 12.50 -8.72 9.25
C SER A 183 13.83 -9.20 8.73
N PRO A 184 14.87 -8.95 9.51
CA PRO A 184 16.16 -9.38 9.04
C PRO A 184 16.26 -10.93 9.02
N GLU A 185 15.58 -11.65 9.93
CA GLU A 185 15.63 -13.12 9.91
C GLU A 185 15.07 -13.59 8.54
N THR A 186 14.03 -12.90 8.08
CA THR A 186 13.40 -13.29 6.83
C THR A 186 14.35 -12.99 5.67
N VAL A 187 14.99 -11.83 5.70
CA VAL A 187 15.90 -11.46 4.63
C VAL A 187 17.04 -12.52 4.56
N VAL A 188 17.57 -12.83 5.73
CA VAL A 188 18.65 -13.83 5.88
C VAL A 188 18.26 -15.19 5.27
N ARG A 189 17.08 -15.70 5.59
CA ARG A 189 16.58 -16.90 4.90
C ARG A 189 16.45 -16.71 3.40
N LEU A 190 15.96 -15.55 2.94
CA LEU A 190 15.82 -15.34 1.52
C LEU A 190 17.14 -15.27 0.77
N ALA A 191 18.20 -14.81 1.40
CA ALA A 191 19.49 -14.66 0.74
C ALA A 191 20.14 -16.00 0.46
N GLU A 192 19.64 -17.05 1.08
CA GLU A 192 20.00 -18.41 0.74
C GLU A 192 19.49 -18.83 -0.65
N ILE A 193 18.53 -18.11 -1.22
CA ILE A 193 18.04 -18.44 -2.58
C ILE A 193 18.95 -17.76 -3.58
N ASP A 194 19.48 -18.53 -4.53
CA ASP A 194 20.60 -18.14 -5.39
C ASP A 194 20.40 -16.81 -6.05
N ASN A 195 19.24 -16.59 -6.65
CA ASN A 195 19.07 -15.38 -7.43
C ASN A 195 18.61 -14.14 -6.60
N ILE A 196 18.44 -14.28 -5.31
CA ILE A 196 18.07 -13.12 -4.52
C ILE A 196 19.38 -12.46 -4.10
N ILE A 197 19.74 -11.34 -4.70
CA ILE A 197 21.09 -10.85 -4.59
C ILE A 197 21.25 -9.56 -3.81
N GLY A 198 20.17 -9.13 -3.15
CA GLY A 198 20.26 -7.98 -2.30
C GLY A 198 18.94 -7.40 -1.82
N VAL A 199 19.06 -6.36 -1.01
CA VAL A 199 17.87 -5.64 -0.51
C VAL A 199 18.13 -4.14 -0.66
N KPI A 200 17.14 -3.47 -1.20
CA KPI A 200 17.01 -2.01 -1.15
CB KPI A 200 16.24 -1.50 -2.34
CG KPI A 200 16.02 0.03 -2.35
CD KPI A 200 15.09 0.40 -3.48
CE KPI A 200 14.76 1.92 -3.44
NZ KPI A 200 13.72 2.19 -4.41
CX1 KPI A 200 13.33 3.31 -4.91
C1 KPI A 200 13.93 4.62 -4.61
CX2 KPI A 200 12.22 3.38 -5.90
O1 KPI A 200 11.70 2.35 -6.30
O2 KPI A 200 11.85 4.53 -6.33
C KPI A 200 16.37 -1.69 0.18
O KPI A 200 15.15 -1.84 0.37
N GLU A 201 17.18 -1.23 1.12
CA GLU A 201 16.74 -1.04 2.51
C GLU A 201 16.34 0.43 2.78
N ALA A 202 15.01 0.68 2.87
CA ALA A 202 14.50 2.02 3.06
C ALA A 202 13.67 2.10 4.37
N SER A 203 14.03 1.27 5.34
CA SER A 203 13.45 1.35 6.64
C SER A 203 14.00 2.48 7.51
N GLY A 204 15.19 2.99 7.21
CA GLY A 204 15.86 3.86 8.12
C GLY A 204 16.41 3.20 9.36
N ASN A 205 16.42 1.89 9.43
CA ASN A 205 16.85 1.22 10.64
C ASN A 205 18.23 0.60 10.44
N LEU A 206 19.26 1.24 11.03
CA LEU A 206 20.66 0.85 10.71
C LEU A 206 21.06 -0.41 11.44
N ASP A 207 20.49 -0.68 12.59
CA ASP A 207 20.65 -2.00 13.30
C ASP A 207 20.15 -3.20 12.45
N GLN A 208 18.96 -3.06 11.92
CA GLN A 208 18.40 -4.02 10.95
C GLN A 208 19.33 -4.31 9.78
N ALA A 209 19.87 -3.26 9.17
CA ALA A 209 20.81 -3.42 8.09
C ALA A 209 22.11 -4.16 8.50
N GLY A 210 22.62 -3.81 9.68
CA GLY A 210 23.76 -4.45 10.21
C GLY A 210 23.49 -5.91 10.51
N GLU A 211 22.32 -6.22 11.07
CA GLU A 211 21.91 -7.60 11.31
C GLU A 211 21.92 -8.42 10.02
N ILE A 212 21.43 -7.84 8.95
CA ILE A 212 21.41 -8.53 7.66
C ILE A 212 22.84 -8.68 7.12
N ARG A 213 23.63 -7.63 7.26
CA ARG A 213 24.94 -7.66 6.65
C ARG A 213 25.78 -8.72 7.30
N ARG A 214 25.76 -8.81 8.62
CA ARG A 214 26.57 -9.83 9.31
C ARG A 214 26.17 -11.27 9.10
N SER A 215 24.96 -11.54 8.64
CA SER A 215 24.49 -12.91 8.48
C SER A 215 24.16 -13.28 7.06
N THR A 216 24.62 -12.56 6.08
CA THR A 216 24.35 -12.93 4.71
C THR A 216 25.69 -13.02 3.99
N PRO A 217 25.74 -13.80 2.91
CA PRO A 217 27.00 -13.95 2.20
C PRO A 217 27.31 -12.74 1.33
N LYS A 218 28.55 -12.64 0.86
CA LYS A 218 28.99 -11.41 0.20
C LYS A 218 28.35 -11.18 -1.18
N GLU A 219 27.80 -12.23 -1.76
CA GLU A 219 27.04 -12.09 -3.00
C GLU A 219 25.73 -11.30 -2.82
N PHE A 220 25.27 -11.17 -1.58
CA PHE A 220 24.04 -10.49 -1.23
C PHE A 220 24.42 -9.11 -0.84
N GLN A 221 23.87 -8.13 -1.52
CA GLN A 221 24.28 -6.76 -1.27
C GLN A 221 23.19 -5.89 -0.68
N ILE A 222 23.60 -4.96 0.18
CA ILE A 222 22.67 -4.02 0.74
C ILE A 222 22.79 -2.65 0.08
N TYR A 223 21.65 -2.12 -0.38
CA TYR A 223 21.63 -0.75 -0.92
C TYR A 223 20.77 0.18 -0.08
N ALA A 224 21.25 1.41 0.14
CA ALA A 224 20.43 2.42 0.80
C ALA A 224 19.22 2.67 -0.10
N GLY A 225 18.03 2.79 0.50
CA GLY A 225 16.80 3.18 -0.22
C GLY A 225 16.51 4.67 0.00
N ASP A 226 17.37 5.36 0.76
CA ASP A 226 17.24 6.81 1.09
C ASP A 226 18.60 7.50 0.84
N ASP A 227 18.63 8.59 0.06
CA ASP A 227 19.91 9.16 -0.35
C ASP A 227 20.71 9.68 0.87
N SER A 228 19.98 10.05 1.91
CA SER A 228 20.66 10.61 3.12
C SER A 228 21.30 9.54 3.95
N LEU A 229 20.96 8.29 3.69
CA LEU A 229 21.52 7.15 4.42
C LEU A 229 22.63 6.40 3.67
N THR A 230 22.96 6.87 2.49
CA THR A 230 23.95 6.15 1.67
C THR A 230 25.27 6.05 2.46
N LEU A 231 25.77 7.19 2.88
CA LEU A 231 27.13 7.19 3.58
C LEU A 231 27.16 6.39 4.89
N PRO A 232 26.18 6.63 5.80
CA PRO A 232 26.14 5.81 6.99
C PRO A 232 25.96 4.31 6.75
N LEU A 233 25.13 3.92 5.77
CA LEU A 233 25.01 2.52 5.43
C LEU A 233 26.30 1.93 4.78
N LEU A 234 26.91 2.70 3.91
CA LEU A 234 28.19 2.29 3.33
C LEU A 234 29.16 1.95 4.44
N ALA A 235 29.12 2.73 5.55
CA ALA A 235 30.11 2.54 6.63
C ALA A 235 29.92 1.23 7.36
N ILE A 236 28.72 0.67 7.32
CA ILE A 236 28.50 -0.61 7.93
C ILE A 236 28.45 -1.76 6.93
N GLY A 237 28.87 -1.51 5.69
CA GLY A 237 28.96 -2.63 4.75
C GLY A 237 27.97 -2.67 3.61
N ALA A 238 27.20 -1.61 3.42
CA ALA A 238 26.30 -1.54 2.25
C ALA A 238 27.17 -1.32 1.01
N LYS A 239 26.60 -1.68 -0.14
CA LYS A 239 27.23 -1.58 -1.45
C LYS A 239 27.05 -0.16 -2.05
N GLY A 240 25.92 0.48 -1.82
CA GLY A 240 25.65 1.77 -2.43
C GLY A 240 24.22 2.22 -2.21
N VAL A 241 23.61 2.77 -3.26
CA VAL A 241 22.29 3.39 -3.10
C VAL A 241 21.42 3.14 -4.32
N VAL A 242 20.14 2.96 -4.07
CA VAL A 242 19.14 3.08 -5.12
C VAL A 242 18.60 4.49 -4.90
N SER A 243 18.94 5.37 -5.83
CA SER A 243 18.95 6.82 -5.61
C SER A 243 17.90 7.56 -6.41
N VAL A 244 17.45 8.68 -5.84
CA VAL A 244 16.64 9.68 -6.52
C VAL A 244 17.51 10.82 -6.87
N ALA A 245 18.32 11.24 -5.90
CA ALA A 245 19.18 12.40 -6.12
C ALA A 245 20.19 12.29 -7.24
N SER A 246 20.58 11.08 -7.59
CA SER A 246 21.50 10.86 -8.70
C SER A 246 20.99 11.41 -10.04
N HIS A 247 19.69 11.68 -10.18
CA HIS A 247 19.21 12.42 -11.33
C HIS A 247 19.89 13.73 -11.49
N LEU A 248 20.34 14.29 -10.38
CA LEU A 248 20.88 15.64 -10.31
C LEU A 248 22.36 15.71 -9.92
N VAL A 249 22.82 14.78 -9.09
CA VAL A 249 24.21 14.85 -8.60
C VAL A 249 24.82 13.46 -8.60
N GLY A 250 24.53 12.67 -9.64
CA GLY A 250 25.06 11.33 -9.78
C GLY A 250 26.60 11.29 -9.69
N ASN A 251 27.25 12.25 -10.28
CA ASN A 251 28.71 12.23 -10.31
C ASN A 251 29.25 12.50 -8.91
N GLN A 252 28.57 13.37 -8.15
CA GLN A 252 29.03 13.66 -6.78
C GLN A 252 28.76 12.53 -5.87
N LEU A 253 27.69 11.78 -6.15
CA LEU A 253 27.47 10.54 -5.40
C LEU A 253 28.53 9.50 -5.65
N GLN A 254 28.87 9.31 -6.93
CA GLN A 254 30.01 8.46 -7.32
C GLN A 254 31.27 8.89 -6.61
N GLN A 255 31.54 10.17 -6.64
CA GLN A 255 32.72 10.65 -5.93
C GLN A 255 32.71 10.33 -4.40
N MET A 256 31.55 10.48 -3.77
CA MET A 256 31.45 10.25 -2.34
C MET A 256 31.68 8.79 -2.04
N ILE A 257 31.08 7.90 -2.82
CA ILE A 257 31.16 6.47 -2.59
C ILE A 257 32.60 5.96 -2.84
N GLN A 258 33.15 6.42 -3.96
CA GLN A 258 34.54 6.06 -4.34
C GLN A 258 35.51 6.59 -3.30
N ALA A 259 35.32 7.82 -2.83
CA ALA A 259 36.17 8.40 -1.77
C ALA A 259 36.15 7.53 -0.54
N PHE A 260 34.95 7.13 -0.11
CA PHE A 260 34.82 6.32 1.06
C PHE A 260 35.52 4.98 0.93
N ASN A 261 35.35 4.33 -0.20
CA ASN A 261 35.84 2.96 -0.29
C ASN A 261 37.36 2.93 -0.35
N SER A 262 37.97 4.01 -0.78
CA SER A 262 39.38 4.13 -0.81
C SER A 262 39.93 4.83 0.48
N GLY A 263 39.06 5.09 1.45
CA GLY A 263 39.48 5.57 2.73
C GLY A 263 39.62 7.05 2.82
N GLN A 264 39.19 7.81 1.84
CA GLN A 264 39.14 9.28 2.00
C GLN A 264 37.83 9.71 2.73
N VAL A 265 37.78 9.38 4.00
CA VAL A 265 36.53 9.41 4.73
C VAL A 265 36.08 10.82 4.90
N THR A 266 37.00 11.79 5.00
CA THR A 266 36.53 13.18 5.17
C THR A 266 36.09 13.80 3.87
N VAL A 267 36.60 13.32 2.74
CA VAL A 267 36.14 13.80 1.46
C VAL A 267 34.69 13.29 1.31
N ALA A 268 34.44 12.05 1.72
CA ALA A 268 33.08 11.48 1.61
C ALA A 268 32.10 12.22 2.48
N SER A 269 32.48 12.54 3.73
CA SER A 269 31.57 13.23 4.61
C SER A 269 31.40 14.67 4.17
N ASP A 270 32.41 15.32 3.60
CA ASP A 270 32.18 16.68 3.07
C ASP A 270 31.08 16.66 1.99
N ILE A 271 31.09 15.63 1.12
CA ILE A 271 30.14 15.60 0.02
C ILE A 271 28.75 15.34 0.57
N HIS A 272 28.66 14.34 1.42
CA HIS A 272 27.42 14.05 2.10
C HIS A 272 26.77 15.28 2.74
N LEU A 273 27.57 16.08 3.47
CA LEU A 273 27.04 17.21 4.22
C LEU A 273 26.64 18.33 3.30
N ARG A 274 27.41 18.48 2.24
CA ARG A 274 27.11 19.50 1.26
C ARG A 274 25.79 19.15 0.55
N LEU A 275 25.55 17.87 0.31
CA LEU A 275 24.34 17.46 -0.44
C LEU A 275 23.10 17.33 0.43
N LEU A 276 23.28 17.37 1.74
CA LEU A 276 22.16 17.00 2.66
C LEU A 276 20.94 17.87 2.49
N PRO A 277 21.16 19.20 2.28
CA PRO A 277 19.98 20.00 2.09
C PRO A 277 19.22 19.59 0.81
N LEU A 278 19.95 19.13 -0.22
CA LEU A 278 19.29 18.64 -1.43
C LEU A 278 18.52 17.33 -1.13
N PHE A 279 19.17 16.43 -0.42
CA PHE A 279 18.52 15.19 -0.08
C PHE A 279 17.20 15.47 0.63
N LYS A 280 17.22 16.33 1.61
CA LYS A 280 15.97 16.69 2.33
C LYS A 280 14.93 17.38 1.50
N ALA A 281 15.38 18.30 0.65
CA ALA A 281 14.47 18.99 -0.20
C ALA A 281 13.74 18.02 -1.18
N LEU A 282 14.41 16.94 -1.59
CA LEU A 282 13.80 15.96 -2.50
C LEU A 282 12.67 15.12 -1.85
N PHE A 283 12.51 15.26 -0.53
CA PHE A 283 11.47 14.57 0.21
C PHE A 283 10.58 15.57 0.99
N ILE A 284 10.62 16.83 0.63
CA ILE A 284 9.80 17.82 1.31
C ILE A 284 8.27 17.52 1.06
N THR A 285 7.90 17.07 -0.14
CA THR A 285 6.65 16.37 -0.28
C THR A 285 7.00 15.02 -0.94
N THR A 286 5.99 14.21 -1.19
CA THR A 286 6.18 12.80 -1.54
C THR A 286 6.97 12.66 -2.88
N ASN A 287 8.06 11.92 -2.85
CA ASN A 287 8.82 11.53 -4.02
C ASN A 287 7.83 10.77 -4.95
N PRO A 288 7.77 11.11 -6.24
CA PRO A 288 8.75 11.88 -7.03
C PRO A 288 8.27 13.28 -7.37
N ILE A 289 7.39 13.86 -6.58
CA ILE A 289 6.95 15.23 -6.87
C ILE A 289 8.11 16.22 -6.90
N PRO A 290 8.96 16.22 -5.84
CA PRO A 290 10.04 17.20 -5.89
C PRO A 290 11.05 16.97 -7.02
N ILE A 291 11.47 15.74 -7.21
CA ILE A 291 12.48 15.49 -8.20
C ILE A 291 12.03 15.83 -9.59
N LYS A 292 10.77 15.58 -9.87
CA LYS A 292 10.23 16.00 -11.18
C LYS A 292 10.23 17.55 -11.33
N GLN A 293 9.91 18.24 -10.25
CA GLN A 293 10.03 19.71 -10.28
C GLN A 293 11.51 20.19 -10.39
N ALA A 294 12.44 19.49 -9.72
CA ALA A 294 13.87 19.82 -9.84
C ALA A 294 14.34 19.66 -11.29
N LEU A 295 13.94 18.56 -11.89
CA LEU A 295 14.26 18.31 -13.31
C LEU A 295 13.70 19.37 -14.25
N LYS A 296 12.46 19.75 -14.04
CA LYS A 296 11.84 20.83 -14.77
C LYS A 296 12.55 22.14 -14.62
N LEU A 297 13.03 22.46 -13.42
CA LEU A 297 13.82 23.66 -13.23
C LEU A 297 15.07 23.67 -14.06
N GLN A 298 15.64 22.51 -14.34
CA GLN A 298 16.79 22.41 -15.18
C GLN A 298 16.46 22.36 -16.66
N GLY A 299 15.21 22.37 -17.05
CA GLY A 299 14.91 22.33 -18.46
C GLY A 299 14.42 21.03 -19.01
N TRP A 300 14.46 19.93 -18.24
CA TRP A 300 13.90 18.70 -18.74
C TRP A 300 12.37 18.76 -18.83
N GLU A 301 11.81 18.27 -19.91
CA GLU A 301 10.36 18.22 -20.06
C GLU A 301 9.80 16.90 -19.54
N VAL A 302 9.66 16.81 -18.24
CA VAL A 302 9.25 15.57 -17.60
C VAL A 302 7.75 15.53 -17.31
N GLY A 303 7.05 16.65 -17.48
CA GLY A 303 5.66 16.73 -17.12
C GLY A 303 5.41 16.75 -15.61
N SER A 304 4.15 16.68 -15.26
CA SER A 304 3.71 16.53 -13.89
C SER A 304 3.73 15.07 -13.52
N THR A 305 3.37 14.78 -12.29
CA THR A 305 3.14 13.44 -11.85
C THR A 305 1.72 13.16 -12.33
N ARG A 306 1.33 11.92 -12.22
CA ARG A 306 0.01 11.48 -12.55
C ARG A 306 -0.83 11.35 -11.26
N PRO A 307 -2.13 11.70 -11.34
CA PRO A 307 -3.13 11.49 -10.28
C PRO A 307 -3.10 10.07 -9.77
N PRO A 308 -3.13 9.86 -8.46
CA PRO A 308 -3.45 10.86 -7.45
C PRO A 308 -2.29 11.74 -6.82
N LEU A 309 -1.10 11.68 -7.39
CA LEU A 309 -0.01 12.61 -7.04
C LEU A 309 -0.34 13.94 -7.67
N SER A 310 -0.14 15.02 -6.93
CA SER A 310 -0.48 16.38 -7.33
C SER A 310 0.81 17.19 -7.56
N ASP A 311 0.67 18.38 -8.13
CA ASP A 311 1.83 19.17 -8.44
C ASP A 311 2.40 19.87 -7.24
N ALA A 312 3.72 19.98 -7.28
CA ALA A 312 4.53 20.82 -6.40
C ALA A 312 3.93 22.22 -6.29
N ASP A 313 3.51 22.57 -5.08
CA ASP A 313 3.10 23.94 -4.79
C ASP A 313 4.35 24.89 -4.85
N ALA A 314 4.09 26.18 -4.70
CA ALA A 314 5.07 27.17 -5.04
C ALA A 314 6.17 27.22 -3.97
N GLU A 315 5.77 27.06 -2.71
CA GLU A 315 6.73 27.02 -1.60
C GLU A 315 7.79 25.95 -1.88
N VAL A 316 7.32 24.74 -2.18
CA VAL A 316 8.19 23.62 -2.52
C VAL A 316 9.14 23.90 -3.68
N SER A 317 8.60 24.35 -4.80
CA SER A 317 9.47 24.76 -5.88
C SER A 317 10.47 25.85 -5.50
N GLN A 318 10.11 26.77 -4.62
CA GLN A 318 11.04 27.79 -4.19
C GLN A 318 12.13 27.22 -3.30
N LYS A 319 11.76 26.32 -2.39
CA LYS A 319 12.75 25.64 -1.57
C LYS A 319 13.74 24.94 -2.44
N LEU A 320 13.23 24.21 -3.44
CA LEU A 320 14.11 23.49 -4.37
C LEU A 320 15.07 24.34 -5.14
N GLU A 321 14.54 25.44 -5.62
CA GLU A 321 15.26 26.35 -6.46
C GLU A 321 16.42 26.94 -5.71
N ALA A 322 16.16 27.34 -4.47
CA ALA A 322 17.22 27.92 -3.62
C ALA A 322 18.36 26.92 -3.37
N VAL A 323 18.01 25.68 -3.01
CA VAL A 323 19.03 24.67 -2.74
C VAL A 323 19.82 24.32 -3.98
N MET A 324 19.13 24.27 -5.12
CA MET A 324 19.81 23.93 -6.35
C MET A 324 20.71 25.08 -6.85
N LYS A 325 20.21 26.32 -6.76
CA LYS A 325 21.03 27.49 -7.03
C LYS A 325 22.28 27.47 -6.18
N HIS A 326 22.11 27.26 -4.89
CA HIS A 326 23.24 27.17 -4.01
C HIS A 326 24.19 26.03 -4.37
N LEU A 327 23.69 25.01 -5.06
CA LEU A 327 24.62 23.94 -5.45
C LEU A 327 25.03 24.09 -6.89
N ASN A 328 24.60 25.16 -7.54
CA ASN A 328 24.96 25.36 -8.92
C ASN A 328 24.39 24.35 -9.85
N LEU A 329 23.17 23.93 -9.56
CA LEU A 329 22.47 22.97 -10.41
C LEU A 329 21.53 23.65 -11.37
N ILE A 330 21.37 24.97 -11.27
CA ILE A 330 20.56 25.70 -12.25
C ILE A 330 21.19 27.02 -12.71
N SER B 36 -31.45 8.99 3.36
CA SER B 36 -32.04 7.66 3.26
C SER B 36 -31.15 6.78 2.35
N VAL B 37 -30.80 7.25 1.14
CA VAL B 37 -29.90 6.46 0.25
C VAL B 37 -28.56 6.20 1.00
N GLY B 38 -28.11 7.20 1.76
CA GLY B 38 -26.90 7.11 2.60
C GLY B 38 -26.97 6.32 3.93
N ASP B 39 -28.13 5.77 4.28
CA ASP B 39 -28.27 5.11 5.53
C ASP B 39 -28.03 3.60 5.35
N PHE B 40 -26.94 3.16 5.95
CA PHE B 40 -26.45 1.84 5.87
C PHE B 40 -26.61 1.14 7.17
N GLY B 41 -27.26 1.77 8.15
CA GLY B 41 -27.43 1.15 9.42
C GLY B 41 -26.25 1.50 10.34
N THR B 42 -26.06 0.70 11.37
CA THR B 42 -24.98 0.87 12.33
C THR B 42 -23.91 -0.21 12.33
N VAL B 43 -24.24 -1.45 11.92
CA VAL B 43 -23.24 -2.53 11.75
C VAL B 43 -23.02 -2.85 10.27
N LEU B 44 -21.85 -2.50 9.77
CA LEU B 44 -21.49 -2.74 8.36
C LEU B 44 -20.44 -3.83 8.48
N THR B 45 -20.63 -4.96 7.86
CA THR B 45 -19.63 -6.04 8.00
C THR B 45 -18.76 -6.18 6.79
N ALA B 46 -17.45 -6.01 6.97
CA ALA B 46 -16.47 -6.24 5.91
C ALA B 46 -16.30 -7.72 5.80
N MET B 47 -17.09 -8.33 4.91
CA MET B 47 -17.11 -9.77 4.77
C MET B 47 -15.84 -10.33 4.21
N ILE B 48 -15.52 -11.53 4.72
CA ILE B 48 -14.42 -12.29 4.22
C ILE B 48 -14.81 -12.87 2.86
N THR B 49 -13.79 -13.27 2.10
CA THR B 49 -13.93 -13.97 0.85
C THR B 49 -13.51 -15.43 1.03
N PRO B 50 -14.48 -16.38 1.03
CA PRO B 50 -14.10 -17.82 1.21
C PRO B 50 -13.53 -18.43 -0.07
N PHE B 51 -12.55 -19.30 0.09
CA PHE B 51 -11.88 -19.91 -1.05
C PHE B 51 -12.03 -21.39 -0.89
N LYS B 52 -12.15 -22.09 -2.02
CA LYS B 52 -12.02 -23.51 -2.06
C LYS B 52 -10.60 -23.96 -1.84
N ALA B 53 -10.48 -25.29 -1.69
CA ALA B 53 -9.20 -25.95 -1.56
C ALA B 53 -8.31 -25.62 -2.75
N ASP B 54 -8.82 -25.61 -3.97
CA ASP B 54 -7.96 -25.16 -5.07
C ASP B 54 -7.68 -23.64 -5.08
N GLY B 55 -8.22 -22.88 -4.13
CA GLY B 55 -7.91 -21.48 -4.04
C GLY B 55 -8.85 -20.59 -4.80
N SER B 56 -9.77 -21.16 -5.59
CA SER B 56 -10.79 -20.38 -6.24
C SER B 56 -11.84 -19.85 -5.24
N VAL B 57 -12.56 -18.81 -5.64
CA VAL B 57 -13.61 -18.25 -4.82
C VAL B 57 -14.75 -19.23 -4.61
N ASN B 58 -15.15 -19.44 -3.35
CA ASN B 58 -16.26 -20.28 -3.09
C ASN B 58 -17.56 -19.50 -3.02
N TYR B 59 -18.18 -19.29 -4.19
CA TYR B 59 -19.43 -18.49 -4.27
C TYR B 59 -20.60 -18.98 -3.43
N ALA B 60 -20.70 -20.28 -3.24
CA ALA B 60 -21.83 -20.80 -2.52
C ALA B 60 -21.65 -20.53 -1.02
N VAL B 61 -20.43 -20.69 -0.53
CA VAL B 61 -20.15 -20.32 0.85
C VAL B 61 -20.34 -18.81 1.03
N ALA B 62 -19.94 -17.99 0.04
CA ALA B 62 -20.09 -16.58 0.25
C ALA B 62 -21.54 -16.24 0.40
N ALA B 63 -22.39 -16.85 -0.41
CA ALA B 63 -23.81 -16.64 -0.24
C ALA B 63 -24.37 -17.07 1.11
N GLU B 64 -24.01 -18.27 1.57
CA GLU B 64 -24.47 -18.78 2.79
C GLU B 64 -23.99 -17.90 3.97
N LEU B 65 -22.76 -17.39 3.87
CA LEU B 65 -22.23 -16.48 4.89
C LEU B 65 -22.95 -15.14 4.89
N ALA B 66 -23.18 -14.59 3.71
CA ALA B 66 -23.89 -13.30 3.58
C ALA B 66 -25.32 -13.29 4.21
N ALA B 67 -26.07 -14.37 3.92
CA ALA B 67 -27.41 -14.58 4.46
C ALA B 67 -27.32 -14.73 5.97
N HIS B 68 -26.35 -15.49 6.43
CA HIS B 68 -26.22 -15.70 7.87
C HIS B 68 -25.93 -14.37 8.61
N LEU B 69 -24.99 -13.62 8.05
CA LEU B 69 -24.63 -12.35 8.64
C LEU B 69 -25.83 -11.43 8.72
N VAL B 70 -26.55 -11.34 7.61
CA VAL B 70 -27.65 -10.37 7.49
C VAL B 70 -28.78 -10.78 8.47
N ASP B 71 -28.85 -12.05 8.83
CA ASP B 71 -29.81 -12.49 9.83
C ASP B 71 -29.26 -12.41 11.24
N ASN B 72 -27.99 -12.06 11.42
CA ASN B 72 -27.40 -12.01 12.74
C ASN B 72 -26.63 -10.73 13.00
N GLY B 73 -27.27 -9.60 12.73
CA GLY B 73 -26.76 -8.32 13.13
C GLY B 73 -26.15 -7.41 12.09
N THR B 74 -25.86 -7.90 10.90
CA THR B 74 -25.31 -7.04 9.88
C THR B 74 -26.40 -6.28 9.15
N ASP B 75 -26.27 -4.96 9.13
CA ASP B 75 -27.19 -4.12 8.39
C ASP B 75 -26.85 -4.02 6.93
N THR B 76 -25.54 -3.95 6.66
CA THR B 76 -25.02 -3.73 5.33
C THR B 76 -23.72 -4.54 5.17
N LEU B 77 -23.54 -5.14 4.02
CA LEU B 77 -22.34 -5.93 3.70
C LEU B 77 -21.40 -5.07 2.88
N VAL B 78 -20.13 -4.97 3.34
CA VAL B 78 -19.01 -4.36 2.65
C VAL B 78 -18.28 -5.53 2.03
N VAL B 79 -18.35 -5.64 0.69
CA VAL B 79 -17.81 -6.75 -0.06
C VAL B 79 -16.50 -6.31 -0.76
N CYS B 80 -15.53 -7.23 -0.69
CA CYS B 80 -14.18 -7.03 -1.22
C CYS B 80 -13.52 -5.82 -0.61
N GLY B 81 -13.70 -5.67 0.69
CA GLY B 81 -12.83 -4.76 1.46
C GLY B 81 -11.48 -5.41 1.71
N THR B 82 -10.77 -4.87 2.69
CA THR B 82 -9.51 -5.39 3.08
C THR B 82 -9.70 -6.79 3.66
N THR B 83 -10.72 -6.89 4.49
CA THR B 83 -11.05 -8.16 5.13
C THR B 83 -11.45 -9.23 4.09
N GLY B 84 -11.94 -8.74 2.97
CA GLY B 84 -12.34 -9.59 1.78
C GLY B 84 -11.21 -9.92 0.85
N GLU B 85 -9.97 -9.58 1.25
CA GLU B 85 -8.77 -9.88 0.47
C GLU B 85 -8.77 -9.32 -0.94
N SER B 86 -9.36 -8.16 -1.06
CA SER B 86 -9.34 -7.40 -2.26
C SER B 86 -8.00 -7.37 -3.03
N PRO B 87 -6.88 -7.07 -2.37
CA PRO B 87 -5.66 -6.95 -3.18
C PRO B 87 -5.32 -8.15 -3.98
N THR B 88 -5.70 -9.35 -3.52
CA THR B 88 -5.31 -10.57 -4.21
C THR B 88 -6.46 -11.14 -5.10
N LEU B 89 -7.61 -10.47 -5.17
CA LEU B 89 -8.70 -10.95 -6.06
C LEU B 89 -8.59 -10.36 -7.43
N SER B 90 -9.08 -11.04 -8.46
CA SER B 90 -9.13 -10.43 -9.80
C SER B 90 -10.38 -9.59 -9.83
N TRP B 91 -10.45 -8.70 -10.79
CA TRP B 91 -11.63 -7.89 -10.94
C TRP B 91 -12.83 -8.80 -11.21
N ASP B 92 -12.59 -9.86 -11.94
CA ASP B 92 -13.67 -10.75 -12.29
C ASP B 92 -14.26 -11.41 -11.04
N GLU B 93 -13.37 -11.75 -10.12
CA GLU B 93 -13.82 -12.39 -8.90
C GLU B 93 -14.57 -11.34 -8.02
N GLU B 94 -14.11 -10.12 -8.02
CA GLU B 94 -14.80 -9.06 -7.32
C GLU B 94 -16.19 -8.84 -7.87
N TYR B 95 -16.30 -8.65 -9.17
CA TYR B 95 -17.60 -8.45 -9.85
C TYR B 95 -18.54 -9.54 -9.49
N ASN B 96 -18.10 -10.77 -9.59
CA ASN B 96 -18.96 -11.91 -9.27
C ASN B 96 -19.38 -12.01 -7.79
N LEU B 97 -18.50 -11.58 -6.90
CA LEU B 97 -18.83 -11.54 -5.52
C LEU B 97 -19.89 -10.50 -5.24
N PHE B 98 -19.80 -9.34 -5.90
CA PHE B 98 -20.78 -8.29 -5.69
C PHE B 98 -22.14 -8.80 -6.17
N VAL B 99 -22.15 -9.46 -7.34
CA VAL B 99 -23.39 -10.02 -7.86
C VAL B 99 -23.96 -11.12 -6.93
N GLU B 100 -23.10 -12.00 -6.45
CA GLU B 100 -23.57 -13.07 -5.60
C GLU B 100 -24.22 -12.55 -4.33
N VAL B 101 -23.60 -11.55 -3.74
CA VAL B 101 -24.14 -10.98 -2.52
C VAL B 101 -25.43 -10.19 -2.74
N LEU B 102 -25.45 -9.36 -3.78
CA LEU B 102 -26.67 -8.63 -4.14
C LEU B 102 -27.88 -9.53 -4.37
N GLN B 103 -27.61 -10.67 -4.99
CA GLN B 103 -28.66 -11.62 -5.27
C GLN B 103 -29.10 -12.25 -3.98
N THR B 104 -28.15 -12.53 -3.10
CA THR B 104 -28.41 -13.19 -1.85
C THR B 104 -29.14 -12.33 -0.87
N VAL B 105 -28.81 -11.04 -0.79
CA VAL B 105 -29.35 -10.20 0.25
C VAL B 105 -30.32 -9.16 -0.21
N ALA B 106 -30.74 -9.28 -1.48
CA ALA B 106 -31.85 -8.50 -2.08
C ALA B 106 -32.93 -8.21 -1.09
N GLY B 107 -33.20 -6.91 -0.95
CA GLY B 107 -34.18 -6.36 0.01
C GLY B 107 -34.10 -6.73 1.49
N LYS B 108 -32.96 -7.16 2.00
CA LYS B 108 -32.75 -7.31 3.42
C LYS B 108 -31.58 -6.48 3.94
N ALA B 109 -30.60 -6.19 3.08
CA ALA B 109 -29.36 -5.50 3.48
C ALA B 109 -28.83 -4.79 2.28
N LYS B 110 -28.18 -3.68 2.51
CA LYS B 110 -27.49 -3.00 1.42
C LYS B 110 -26.10 -3.60 1.23
N VAL B 111 -25.48 -3.29 0.09
CA VAL B 111 -24.22 -3.88 -0.29
C VAL B 111 -23.35 -2.73 -0.72
N ILE B 112 -22.22 -2.56 -0.03
CA ILE B 112 -21.18 -1.63 -0.43
C ILE B 112 -20.02 -2.38 -1.07
N ALA B 113 -19.57 -1.90 -2.21
CA ALA B 113 -18.50 -2.57 -2.95
C ALA B 113 -17.16 -1.91 -2.69
N GLY B 114 -16.20 -2.70 -2.29
CA GLY B 114 -14.79 -2.19 -2.22
C GLY B 114 -14.28 -1.92 -3.65
N CYS B 115 -14.11 -0.66 -4.03
CA CYS B 115 -13.71 -0.29 -5.38
C CYS B 115 -12.50 0.59 -5.44
N GLY B 116 -11.79 0.80 -4.33
CA GLY B 116 -10.77 1.81 -4.32
C GLY B 116 -9.45 1.32 -4.83
N SER B 117 -8.52 2.25 -5.05
CA SER B 117 -7.22 1.92 -5.63
C SER B 117 -6.28 3.05 -5.39
N ASN B 118 -5.00 2.81 -5.62
CA ASN B 118 -4.04 3.92 -5.56
C ASN B 118 -3.83 4.59 -6.90
N SER B 119 -4.56 4.09 -7.92
CA SER B 119 -4.73 4.71 -9.17
C SER B 119 -6.17 5.25 -9.30
N THR B 120 -6.31 6.51 -9.67
CA THR B 120 -7.60 7.14 -9.69
C THR B 120 -8.43 6.55 -10.83
N LYS B 121 -7.76 6.34 -11.94
CA LYS B 121 -8.43 5.79 -13.09
C LYS B 121 -8.98 4.37 -12.83
N GLU B 122 -8.22 3.55 -12.11
CA GLU B 122 -8.68 2.22 -11.76
C GLU B 122 -9.87 2.29 -10.80
N ALA B 123 -9.81 3.14 -9.79
CA ALA B 123 -10.96 3.28 -8.93
C ALA B 123 -12.23 3.69 -9.67
N ILE B 124 -12.08 4.60 -10.62
CA ILE B 124 -13.23 5.12 -11.31
C ILE B 124 -13.85 4.03 -12.13
N ALA B 125 -12.99 3.25 -12.79
CA ALA B 125 -13.44 2.17 -13.65
C ALA B 125 -14.24 1.15 -12.85
N ALA B 126 -13.70 0.78 -11.71
CA ALA B 126 -14.34 -0.18 -10.81
C ALA B 126 -15.67 0.36 -10.29
N THR B 127 -15.72 1.64 -9.93
CA THR B 127 -16.90 2.23 -9.35
C THR B 127 -18.04 2.22 -10.38
N GLN B 128 -17.69 2.58 -11.61
CA GLN B 128 -18.66 2.61 -12.72
C GLN B 128 -19.26 1.22 -12.96
N LYS B 129 -18.41 0.21 -12.96
CA LYS B 129 -18.86 -1.16 -13.18
C LYS B 129 -19.74 -1.63 -12.06
N ALA B 130 -19.33 -1.36 -10.81
CA ALA B 130 -20.18 -1.67 -9.68
C ALA B 130 -21.51 -0.93 -9.67
N ALA B 131 -21.55 0.34 -10.11
CA ALA B 131 -22.74 1.09 -10.17
C ALA B 131 -23.84 0.41 -10.99
N LYS B 132 -23.44 -0.18 -12.10
CA LYS B 132 -24.38 -0.70 -13.09
C LYS B 132 -25.05 -1.98 -12.60
N ILE B 133 -24.32 -2.81 -11.83
CA ILE B 133 -24.90 -4.00 -11.32
C ILE B 133 -25.75 -3.81 -10.04
N GLY B 134 -25.85 -2.60 -9.51
CA GLY B 134 -26.80 -2.31 -8.44
C GLY B 134 -26.25 -2.10 -7.01
N VAL B 135 -24.93 -1.90 -6.86
CA VAL B 135 -24.43 -1.76 -5.49
C VAL B 135 -25.01 -0.49 -4.93
N HIS B 136 -25.15 -0.47 -3.60
CA HIS B 136 -25.71 0.72 -2.94
C HIS B 136 -24.70 1.77 -2.50
N GLY B 137 -23.41 1.46 -2.68
CA GLY B 137 -22.34 2.42 -2.43
C GLY B 137 -21.00 1.80 -2.70
N THR B 138 -19.93 2.59 -2.61
CA THR B 138 -18.57 2.07 -2.66
C THR B 138 -17.75 2.54 -1.44
N LEU B 139 -16.83 1.66 -1.05
CA LEU B 139 -15.84 1.92 -0.04
C LEU B 139 -14.56 2.26 -0.82
N GLN B 140 -13.99 3.45 -0.53
CA GLN B 140 -12.85 4.01 -1.25
C GLN B 140 -11.70 4.29 -0.28
N VAL B 141 -10.76 3.34 -0.25
CA VAL B 141 -9.57 3.48 0.50
C VAL B 141 -8.71 4.63 0.00
N VAL B 142 -8.10 5.34 0.94
CA VAL B 142 -7.03 6.28 0.63
C VAL B 142 -5.92 5.52 -0.14
N PRO B 143 -5.49 6.06 -1.25
CA PRO B 143 -4.36 5.49 -2.03
C PRO B 143 -3.22 5.06 -1.14
N TYR B 144 -2.95 3.74 -1.19
CA TYR B 144 -1.91 3.13 -0.45
C TYR B 144 -0.59 3.24 -1.27
N TYR B 145 0.49 3.31 -0.51
CA TYR B 145 1.89 3.10 -1.02
C TYR B 145 2.48 4.32 -1.71
N ASN B 146 1.72 4.98 -2.56
CA ASN B 146 2.21 6.20 -3.22
C ASN B 146 2.12 7.53 -2.45
N LYS B 147 1.47 7.56 -1.29
CA LYS B 147 1.44 8.72 -0.39
C LYS B 147 1.08 10.04 -1.04
N PRO B 148 -0.05 10.08 -1.73
CA PRO B 148 -0.46 11.40 -2.26
C PRO B 148 -0.56 12.49 -1.20
N PRO B 149 -0.15 13.74 -1.52
CA PRO B 149 -0.43 14.88 -0.65
C PRO B 149 -1.93 15.12 -0.56
N GLN B 150 -2.32 15.96 0.39
CA GLN B 150 -3.73 16.17 0.61
C GLN B 150 -4.45 16.68 -0.62
N ALA B 151 -3.81 17.53 -1.42
CA ALA B 151 -4.47 18.09 -2.59
C ALA B 151 -4.80 16.98 -3.58
N GLY B 152 -3.89 16.02 -3.72
CA GLY B 152 -4.10 14.92 -4.64
C GLY B 152 -5.14 13.96 -4.10
N LEU B 153 -5.19 13.78 -2.78
CA LEU B 153 -6.24 12.98 -2.15
C LEU B 153 -7.61 13.62 -2.38
N TYR B 154 -7.69 14.94 -2.20
CA TYR B 154 -8.94 15.62 -2.51
C TYR B 154 -9.39 15.32 -3.96
N GLN B 155 -8.49 15.43 -4.92
CA GLN B 155 -8.89 15.25 -6.31
C GLN B 155 -9.28 13.83 -6.67
N HIS B 156 -8.54 12.88 -6.10
CA HIS B 156 -8.83 11.48 -6.25
C HIS B 156 -10.27 11.22 -5.84
N PHE B 157 -10.63 11.59 -4.61
CA PHE B 157 -12.01 11.26 -4.12
C PHE B 157 -13.09 12.05 -4.83
N GLN B 158 -12.77 13.32 -5.16
CA GLN B 158 -13.66 14.11 -5.92
C GLN B 158 -13.95 13.48 -7.27
N ALA B 159 -12.93 12.93 -7.93
CA ALA B 159 -13.11 12.43 -9.25
C ALA B 159 -13.95 11.17 -9.23
N ILE B 160 -13.69 10.31 -8.24
CA ILE B 160 -14.47 9.11 -8.09
C ILE B 160 -15.97 9.47 -7.80
N ALA B 161 -16.19 10.41 -6.89
CA ALA B 161 -17.55 10.86 -6.54
C ALA B 161 -18.29 11.29 -7.76
N GLN B 162 -17.61 12.10 -8.57
CA GLN B 162 -18.19 12.71 -9.78
C GLN B 162 -18.38 11.73 -10.91
N ALA B 163 -17.58 10.67 -10.96
CA ALA B 163 -17.80 9.62 -11.97
C ALA B 163 -19.18 8.93 -11.81
N CYS B 164 -19.72 8.81 -10.58
CA CYS B 164 -21.08 8.24 -10.35
C CYS B 164 -21.75 9.06 -9.27
N PRO B 165 -22.19 10.24 -9.65
CA PRO B 165 -22.59 11.24 -8.66
C PRO B 165 -23.78 10.86 -7.80
N ASP B 166 -24.56 9.84 -8.22
CA ASP B 166 -25.67 9.33 -7.44
C ASP B 166 -25.34 8.13 -6.57
N LEU B 167 -24.11 7.65 -6.63
CA LEU B 167 -23.76 6.46 -5.88
C LEU B 167 -23.05 6.88 -4.56
N PRO B 168 -23.61 6.55 -3.39
CA PRO B 168 -22.89 6.91 -2.19
C PRO B 168 -21.47 6.42 -2.14
N LEU B 169 -20.63 7.24 -1.51
CA LEU B 169 -19.21 6.97 -1.42
C LEU B 169 -18.75 7.12 0.02
N LEU B 170 -18.17 6.04 0.56
CA LEU B 170 -17.64 6.00 1.92
C LEU B 170 -16.09 6.04 1.83
N LEU B 171 -15.52 7.08 2.36
CA LEU B 171 -14.08 7.23 2.47
C LEU B 171 -13.57 6.24 3.47
N TYR B 172 -12.33 5.77 3.29
CA TYR B 172 -11.74 4.80 4.22
C TYR B 172 -10.33 5.18 4.51
N ASN B 173 -10.09 5.65 5.72
CA ASN B 173 -8.78 6.12 6.19
C ASN B 173 -8.12 5.09 7.09
N VAL B 174 -7.04 4.48 6.63
CA VAL B 174 -6.32 3.48 7.38
C VAL B 174 -4.77 3.63 7.21
N PRO B 175 -4.22 4.68 7.84
CA PRO B 175 -2.80 5.10 7.68
C PRO B 175 -1.82 3.98 7.96
N GLY B 176 -2.14 3.12 8.91
CA GLY B 176 -1.31 1.94 9.22
C GLY B 176 -1.05 1.02 8.05
N ARG B 177 -2.01 0.94 7.12
CA ARG B 177 -1.86 0.16 5.92
C ARG B 177 -1.49 0.95 4.69
N THR B 178 -1.89 2.19 4.60
CA THR B 178 -1.66 2.92 3.36
C THR B 178 -0.39 3.71 3.35
N GLY B 179 0.12 4.06 4.54
CA GLY B 179 1.25 4.92 4.70
C GLY B 179 0.85 6.39 4.59
N GLN B 180 -0.44 6.72 4.52
CA GLN B 180 -0.84 8.11 4.43
C GLN B 180 -2.18 8.35 5.12
N ASN B 181 -2.24 9.42 5.88
CA ASN B 181 -3.44 9.79 6.59
C ASN B 181 -4.20 10.80 5.77
N LEU B 182 -5.52 10.64 5.70
CA LEU B 182 -6.41 11.65 5.23
C LEU B 182 -6.71 12.69 6.31
N SER B 183 -6.31 13.91 6.08
CA SER B 183 -6.48 14.97 7.10
C SER B 183 -7.94 15.37 7.30
N PRO B 184 -8.29 15.76 8.53
CA PRO B 184 -9.66 16.22 8.83
C PRO B 184 -10.07 17.36 7.91
N GLU B 185 -9.17 18.29 7.59
CA GLU B 185 -9.51 19.42 6.72
C GLU B 185 -9.92 18.88 5.36
N THR B 186 -9.23 17.84 4.92
CA THR B 186 -9.54 17.33 3.58
C THR B 186 -10.87 16.62 3.60
N VAL B 187 -11.11 15.80 4.62
CA VAL B 187 -12.39 15.17 4.80
C VAL B 187 -13.57 16.18 4.88
N VAL B 188 -13.42 17.19 5.70
CA VAL B 188 -14.36 18.29 5.79
C VAL B 188 -14.68 18.90 4.42
N ARG B 189 -13.69 19.10 3.57
CA ARG B 189 -13.97 19.56 2.22
C ARG B 189 -14.68 18.55 1.35
N LEU B 190 -14.31 17.26 1.44
CA LEU B 190 -14.92 16.26 0.63
C LEU B 190 -16.38 16.02 1.02
N ALA B 191 -16.68 16.14 2.30
CA ALA B 191 -18.07 16.06 2.78
C ALA B 191 -18.97 17.12 2.15
N GLU B 192 -18.42 18.14 1.51
CA GLU B 192 -19.27 19.07 0.75
C GLU B 192 -19.82 18.46 -0.54
N ILE B 193 -19.30 17.33 -0.98
CA ILE B 193 -19.76 16.68 -2.21
C ILE B 193 -20.90 15.77 -1.80
N ASP B 194 -22.06 15.91 -2.41
CA ASP B 194 -23.29 15.32 -1.87
C ASP B 194 -23.23 13.85 -1.71
N ASN B 195 -22.58 13.10 -2.60
CA ASN B 195 -22.57 11.62 -2.43
C ASN B 195 -21.48 10.99 -1.59
N ILE B 196 -20.66 11.82 -0.98
CA ILE B 196 -19.61 11.33 -0.10
C ILE B 196 -20.29 11.42 1.21
N ILE B 197 -20.70 10.28 1.76
CA ILE B 197 -21.66 10.23 2.86
C ILE B 197 -21.02 9.74 4.16
N GLY B 198 -19.67 9.67 4.20
CA GLY B 198 -19.03 9.33 5.45
C GLY B 198 -17.61 8.82 5.33
N VAL B 199 -17.05 8.49 6.49
CA VAL B 199 -15.70 7.90 6.54
C VAL B 199 -15.63 6.69 7.47
N KPI B 200 -15.06 5.60 6.97
CA KPI B 200 -14.59 4.52 7.83
CB KPI B 200 -14.48 3.23 7.05
CG KPI B 200 -13.92 2.03 7.82
CD KPI B 200 -13.76 0.91 6.82
CE KPI B 200 -13.19 -0.33 7.53
NZ KPI B 200 -12.85 -1.32 6.53
CX1 KPI B 200 -12.61 -2.58 6.71
C1 KPI B 200 -12.66 -3.23 8.04
CX2 KPI B 200 -12.21 -3.47 5.59
O1 KPI B 200 -11.94 -4.71 5.84
O2 KPI B 200 -12.12 -2.99 4.41
C KPI B 200 -13.25 4.95 8.40
O KPI B 200 -12.20 4.96 7.67
N GLU B 201 -13.23 5.28 9.67
CA GLU B 201 -12.06 5.92 10.31
C GLU B 201 -11.31 4.87 11.09
N ALA B 202 -10.19 4.43 10.52
CA ALA B 202 -9.42 3.36 11.13
C ALA B 202 -8.03 3.84 11.47
N SER B 203 -7.86 5.13 11.66
CA SER B 203 -6.59 5.72 12.13
C SER B 203 -6.30 5.55 13.59
N GLY B 204 -7.31 5.28 14.41
CA GLY B 204 -7.14 5.17 15.85
C GLY B 204 -6.98 6.48 16.58
N ASN B 205 -7.16 7.61 15.91
CA ASN B 205 -7.03 8.92 16.47
C ASN B 205 -8.41 9.62 16.71
N LEU B 206 -8.84 9.65 17.95
CA LEU B 206 -10.18 10.15 18.31
C LEU B 206 -10.29 11.66 18.14
N ASP B 207 -9.18 12.38 18.32
CA ASP B 207 -9.10 13.84 18.07
C ASP B 207 -9.49 14.16 16.64
N GLN B 208 -8.85 13.42 15.74
CA GLN B 208 -9.14 13.53 14.34
C GLN B 208 -10.63 13.25 14.03
N ALA B 209 -11.17 12.15 14.55
CA ALA B 209 -12.58 11.81 14.37
C ALA B 209 -13.53 12.90 14.92
N GLY B 210 -13.20 13.52 16.06
CA GLY B 210 -13.97 14.57 16.63
C GLY B 210 -13.88 15.85 15.81
N GLU B 211 -12.70 16.13 15.28
CA GLU B 211 -12.55 17.30 14.38
C GLU B 211 -13.40 17.13 13.09
N ILE B 212 -13.45 15.92 12.58
CA ILE B 212 -14.29 15.64 11.45
C ILE B 212 -15.77 15.78 11.82
N ARG B 213 -16.21 15.14 12.90
CA ARG B 213 -17.60 15.19 13.37
C ARG B 213 -18.08 16.58 13.58
N ARG B 214 -17.26 17.43 14.22
CA ARG B 214 -17.74 18.74 14.58
C ARG B 214 -17.88 19.67 13.36
N SER B 215 -17.22 19.36 12.23
CA SER B 215 -17.25 20.28 11.08
C SER B 215 -17.88 19.69 9.83
N THR B 216 -18.70 18.64 9.95
CA THR B 216 -19.32 18.03 8.82
C THR B 216 -20.82 18.03 9.07
N PRO B 217 -21.64 17.94 8.03
CA PRO B 217 -23.07 17.83 8.28
C PRO B 217 -23.49 16.46 8.79
N LYS B 218 -24.73 16.39 9.25
CA LYS B 218 -25.26 15.16 9.87
C LYS B 218 -25.51 14.09 8.85
N GLU B 219 -25.73 14.47 7.62
CA GLU B 219 -25.79 13.47 6.56
C GLU B 219 -24.43 12.74 6.40
N PHE B 220 -23.35 13.26 6.98
CA PHE B 220 -22.04 12.64 6.79
C PHE B 220 -21.83 11.89 8.08
N GLN B 221 -21.59 10.58 7.93
CA GLN B 221 -21.40 9.69 9.08
C GLN B 221 -20.01 9.12 9.28
N ILE B 222 -19.59 9.06 10.53
CA ILE B 222 -18.38 8.44 10.86
C ILE B 222 -18.65 7.03 11.36
N TYR B 223 -17.93 6.08 10.79
CA TYR B 223 -17.88 4.73 11.28
C TYR B 223 -16.54 4.36 11.79
N ALA B 224 -16.56 3.61 12.90
CA ALA B 224 -15.31 3.06 13.42
C ALA B 224 -14.79 2.04 12.44
N GLY B 225 -13.49 2.04 12.23
CA GLY B 225 -12.87 1.04 11.40
C GLY B 225 -12.14 -0.04 12.19
N ASP B 226 -12.14 0.06 13.51
CA ASP B 226 -11.58 -0.93 14.43
C ASP B 226 -12.66 -1.32 15.44
N ASP B 227 -12.89 -2.61 15.64
CA ASP B 227 -14.00 -3.06 16.50
C ASP B 227 -13.81 -2.56 17.92
N SER B 228 -12.54 -2.46 18.39
CA SER B 228 -12.35 -2.00 19.78
C SER B 228 -12.59 -0.49 19.96
N LEU B 229 -12.75 0.25 18.87
CA LEU B 229 -13.02 1.67 18.97
C LEU B 229 -14.46 2.04 18.73
N THR B 230 -15.30 1.04 18.48
CA THR B 230 -16.68 1.38 18.13
C THR B 230 -17.32 2.21 19.27
N LEU B 231 -17.27 1.66 20.48
CA LEU B 231 -17.92 2.34 21.61
C LEU B 231 -17.37 3.76 21.92
N PRO B 232 -16.04 3.90 21.99
CA PRO B 232 -15.50 5.21 22.16
C PRO B 232 -15.85 6.19 21.11
N LEU B 233 -15.90 5.77 19.84
CA LEU B 233 -16.27 6.66 18.74
C LEU B 233 -17.75 6.98 18.73
N LEU B 234 -18.55 5.99 19.03
CA LEU B 234 -19.98 6.32 19.30
C LEU B 234 -20.13 7.44 20.29
N ALA B 235 -19.32 7.37 21.35
CA ALA B 235 -19.45 8.40 22.40
C ALA B 235 -19.21 9.81 21.90
N ILE B 236 -18.46 9.98 20.83
CA ILE B 236 -18.20 11.34 20.30
C ILE B 236 -18.94 11.59 19.01
N GLY B 237 -19.94 10.77 18.70
CA GLY B 237 -20.82 11.06 17.57
C GLY B 237 -20.71 10.17 16.36
N ALA B 238 -19.97 9.06 16.44
CA ALA B 238 -19.98 8.15 15.28
C ALA B 238 -21.31 7.44 15.16
N LYS B 239 -21.58 6.92 13.95
CA LYS B 239 -22.79 6.21 13.62
C LYS B 239 -22.69 4.70 14.05
N GLY B 240 -21.54 4.10 13.84
CA GLY B 240 -21.36 2.68 14.02
C GLY B 240 -19.99 2.20 13.64
N VAL B 241 -19.95 0.98 13.10
CA VAL B 241 -18.73 0.28 12.80
C VAL B 241 -18.82 -0.46 11.47
N VAL B 242 -17.69 -0.47 10.76
CA VAL B 242 -17.41 -1.37 9.69
C VAL B 242 -16.54 -2.43 10.34
N SER B 243 -17.19 -3.55 10.59
CA SER B 243 -16.71 -4.54 11.57
C SER B 243 -16.19 -5.78 10.91
N VAL B 244 -15.24 -6.37 11.60
CA VAL B 244 -14.79 -7.71 11.33
C VAL B 244 -15.44 -8.73 12.30
N ALA B 245 -15.40 -8.41 13.58
CA ALA B 245 -15.96 -9.18 14.67
C ALA B 245 -17.43 -9.53 14.55
N SER B 246 -18.19 -8.68 13.90
CA SER B 246 -19.56 -8.98 13.53
C SER B 246 -19.84 -10.27 12.80
N HIS B 247 -18.80 -10.86 12.21
CA HIS B 247 -18.92 -12.23 11.68
C HIS B 247 -19.28 -13.23 12.77
N LEU B 248 -18.90 -12.92 14.00
CA LEU B 248 -19.01 -13.78 15.14
C LEU B 248 -19.97 -13.28 16.19
N VAL B 249 -20.05 -11.96 16.40
CA VAL B 249 -20.83 -11.41 17.53
C VAL B 249 -21.60 -10.24 17.10
N GLY B 250 -22.09 -10.29 15.85
CA GLY B 250 -22.85 -9.20 15.29
C GLY B 250 -24.09 -8.89 16.12
N ASN B 251 -24.74 -9.89 16.71
CA ASN B 251 -25.96 -9.58 17.52
C ASN B 251 -25.59 -8.86 18.80
N GLN B 252 -24.44 -9.21 19.32
CA GLN B 252 -23.94 -8.45 20.48
C GLN B 252 -23.50 -7.06 20.20
N LEU B 253 -22.97 -6.80 19.00
CA LEU B 253 -22.62 -5.44 18.64
C LEU B 253 -23.85 -4.56 18.46
N GLN B 254 -24.89 -5.13 17.87
CA GLN B 254 -26.18 -4.45 17.83
C GLN B 254 -26.67 -4.07 19.19
N GLN B 255 -26.63 -5.04 20.09
CA GLN B 255 -27.06 -4.80 21.47
C GLN B 255 -26.24 -3.70 22.09
N MET B 256 -24.91 -3.71 21.86
CA MET B 256 -24.09 -2.65 22.42
C MET B 256 -24.47 -1.26 21.88
N ILE B 257 -24.68 -1.18 20.58
CA ILE B 257 -24.95 0.10 19.95
C ILE B 257 -26.36 0.58 20.33
N GLN B 258 -27.30 -0.35 20.38
CA GLN B 258 -28.68 0.03 20.73
C GLN B 258 -28.71 0.40 22.17
N ALA B 259 -27.99 -0.35 22.98
CA ALA B 259 -27.90 0.02 24.42
C ALA B 259 -27.38 1.46 24.59
N PHE B 260 -26.31 1.75 23.90
CA PHE B 260 -25.72 3.07 23.96
C PHE B 260 -26.70 4.15 23.50
N ASN B 261 -27.32 3.92 22.36
CA ASN B 261 -28.14 4.96 21.81
C ASN B 261 -29.40 5.19 22.66
N SER B 262 -29.80 4.19 23.40
CA SER B 262 -30.94 4.37 24.28
C SER B 262 -30.48 4.85 25.69
N GLY B 263 -29.19 5.16 25.92
CA GLY B 263 -28.74 5.74 27.17
C GLY B 263 -28.36 4.72 28.24
N GLN B 264 -28.38 3.46 27.90
CA GLN B 264 -27.89 2.43 28.82
C GLN B 264 -26.39 2.24 28.66
N VAL B 265 -25.68 3.26 29.11
CA VAL B 265 -24.26 3.34 28.89
C VAL B 265 -23.50 2.20 29.58
N THR B 266 -23.94 1.67 30.74
CA THR B 266 -23.18 0.61 31.40
C THR B 266 -23.44 -0.76 30.83
N VAL B 267 -24.62 -0.95 30.26
CA VAL B 267 -24.84 -2.16 29.48
C VAL B 267 -23.87 -2.17 28.27
N ALA B 268 -23.79 -1.03 27.59
CA ALA B 268 -22.90 -0.92 26.46
C ALA B 268 -21.43 -1.19 26.83
N SER B 269 -20.96 -0.58 27.94
CA SER B 269 -19.59 -0.76 28.35
CA SER B 269 -19.61 -0.75 28.37
C SER B 269 -19.40 -2.19 28.77
N ASP B 270 -20.42 -2.80 29.41
CA ASP B 270 -20.21 -4.22 29.78
C ASP B 270 -19.97 -5.13 28.58
N ILE B 271 -20.69 -4.84 27.51
CA ILE B 271 -20.57 -5.66 26.31
C ILE B 271 -19.18 -5.45 25.67
N HIS B 272 -18.81 -4.19 25.49
CA HIS B 272 -17.48 -3.82 25.04
C HIS B 272 -16.37 -4.55 25.78
N LEU B 273 -16.40 -4.47 27.14
CA LEU B 273 -15.39 -5.10 27.95
C LEU B 273 -15.38 -6.61 27.88
N ARG B 274 -16.56 -7.18 27.74
CA ARG B 274 -16.67 -8.61 27.54
C ARG B 274 -16.10 -9.12 26.16
N LEU B 275 -16.30 -8.32 25.12
CA LEU B 275 -15.85 -8.65 23.77
C LEU B 275 -14.37 -8.28 23.50
N LEU B 276 -13.81 -7.47 24.38
CA LEU B 276 -12.52 -6.84 24.14
C LEU B 276 -11.45 -7.87 23.85
N PRO B 277 -11.44 -9.00 24.61
CA PRO B 277 -10.42 -9.98 24.27
C PRO B 277 -10.59 -10.59 22.88
N LEU B 278 -11.81 -10.70 22.39
CA LEU B 278 -12.02 -11.21 21.06
C LEU B 278 -11.57 -10.19 20.08
N PHE B 279 -11.96 -8.94 20.28
CA PHE B 279 -11.48 -7.89 19.39
C PHE B 279 -9.97 -7.92 19.24
N LYS B 280 -9.22 -8.07 20.35
CA LYS B 280 -7.77 -8.13 20.22
C LYS B 280 -7.27 -9.38 19.53
N ALA B 281 -7.90 -10.51 19.86
CA ALA B 281 -7.48 -11.76 19.23
C ALA B 281 -7.62 -11.64 17.74
N LEU B 282 -8.57 -10.80 17.29
CA LEU B 282 -8.83 -10.79 15.84
C LEU B 282 -7.80 -9.99 15.10
N PHE B 283 -6.85 -9.39 15.82
CA PHE B 283 -5.72 -8.69 15.17
C PHE B 283 -4.36 -9.13 15.73
N ILE B 284 -4.27 -10.31 16.32
CA ILE B 284 -2.95 -10.77 16.80
C ILE B 284 -2.02 -11.01 15.65
N THR B 285 -2.56 -11.44 14.50
CA THR B 285 -1.83 -11.33 13.27
C THR B 285 -2.77 -10.64 12.26
N THR B 286 -2.26 -10.38 11.06
CA THR B 286 -2.94 -9.45 10.15
C THR B 286 -4.30 -9.96 9.73
N ASN B 287 -5.32 -9.14 9.95
CA ASN B 287 -6.69 -9.44 9.49
C ASN B 287 -6.62 -9.57 7.96
N PRO B 288 -7.24 -10.56 7.35
CA PRO B 288 -8.30 -11.42 7.88
C PRO B 288 -7.81 -12.86 8.24
N ILE B 289 -6.52 -13.01 8.50
CA ILE B 289 -6.01 -14.30 8.94
C ILE B 289 -6.70 -14.83 10.20
N PRO B 290 -6.84 -13.97 11.26
CA PRO B 290 -7.50 -14.56 12.43
C PRO B 290 -9.00 -14.86 12.21
N ILE B 291 -9.72 -13.93 11.65
CA ILE B 291 -11.14 -14.14 11.49
C ILE B 291 -11.46 -15.38 10.66
N LYS B 292 -10.67 -15.66 9.63
CA LYS B 292 -10.85 -16.87 8.86
C LYS B 292 -10.61 -18.13 9.66
N GLN B 293 -9.65 -18.11 10.57
CA GLN B 293 -9.44 -19.21 11.51
C GLN B 293 -10.59 -19.40 12.51
N ALA B 294 -11.07 -18.29 13.07
CA ALA B 294 -12.21 -18.30 13.97
C ALA B 294 -13.40 -18.94 13.27
N LEU B 295 -13.74 -18.46 12.10
CA LEU B 295 -14.90 -19.02 11.32
C LEU B 295 -14.69 -20.56 11.07
N LYS B 296 -13.49 -20.92 10.67
CA LYS B 296 -13.15 -22.31 10.49
C LYS B 296 -13.39 -23.10 11.80
N LEU B 297 -12.95 -22.60 12.95
CA LEU B 297 -13.24 -23.26 14.21
C LEU B 297 -14.73 -23.40 14.48
N GLN B 298 -15.58 -22.56 13.92
CA GLN B 298 -17.01 -22.78 14.07
C GLN B 298 -17.60 -23.63 12.95
N GLY B 299 -16.78 -24.26 12.13
CA GLY B 299 -17.25 -25.11 11.08
C GLY B 299 -17.48 -24.52 9.69
N TRP B 300 -17.33 -23.21 9.52
CA TRP B 300 -17.45 -22.62 8.22
C TRP B 300 -16.31 -23.11 7.34
N GLU B 301 -16.56 -23.43 6.09
CA GLU B 301 -15.49 -23.87 5.18
C GLU B 301 -15.08 -22.68 4.34
N VAL B 302 -14.20 -21.85 4.90
CA VAL B 302 -13.79 -20.59 4.26
C VAL B 302 -12.44 -20.62 3.60
N GLY B 303 -11.76 -21.74 3.73
CA GLY B 303 -10.45 -21.84 3.17
C GLY B 303 -9.44 -21.06 4.00
N SER B 304 -8.24 -21.03 3.48
CA SER B 304 -7.20 -20.21 4.04
C SER B 304 -7.23 -18.88 3.26
N THR B 305 -6.32 -18.01 3.59
CA THR B 305 -6.14 -16.76 2.89
C THR B 305 -5.32 -17.06 1.66
N ARG B 306 -5.27 -16.09 0.80
CA ARG B 306 -4.51 -16.19 -0.40
C ARG B 306 -3.14 -15.49 -0.29
N PRO B 307 -2.07 -16.14 -0.82
CA PRO B 307 -0.74 -15.55 -0.92
C PRO B 307 -0.78 -14.13 -1.44
N PRO B 308 -0.03 -13.22 -0.84
CA PRO B 308 1.00 -13.47 0.18
C PRO B 308 0.59 -13.59 1.66
N LEU B 309 -0.72 -13.54 1.96
CA LEU B 309 -1.13 -13.81 3.34
C LEU B 309 -0.88 -15.29 3.64
N SER B 310 -0.53 -15.66 4.85
CA SER B 310 -0.13 -17.07 5.17
C SER B 310 -1.10 -17.58 6.21
N ASP B 311 -1.16 -18.89 6.44
CA ASP B 311 -2.13 -19.43 7.42
C ASP B 311 -1.81 -19.08 8.86
N ALA B 312 -2.87 -19.05 9.69
CA ALA B 312 -2.74 -18.82 11.14
C ALA B 312 -1.80 -19.88 11.70
N ASP B 313 -0.81 -19.52 12.49
CA ASP B 313 0.01 -20.56 13.10
C ASP B 313 -0.75 -21.17 14.34
N ALA B 314 -0.16 -22.16 14.99
CA ALA B 314 -0.86 -22.91 16.03
C ALA B 314 -1.20 -21.98 17.19
N GLU B 315 -0.28 -21.10 17.51
CA GLU B 315 -0.43 -20.10 18.57
C GLU B 315 -1.69 -19.28 18.41
N VAL B 316 -1.85 -18.73 17.21
CA VAL B 316 -2.97 -17.89 16.89
C VAL B 316 -4.26 -18.67 17.09
N SER B 317 -4.30 -19.87 16.49
CA SER B 317 -5.46 -20.72 16.60
C SER B 317 -5.84 -21.06 18.04
N GLN B 318 -4.86 -21.41 18.87
CA GLN B 318 -5.10 -21.72 20.29
C GLN B 318 -5.58 -20.52 21.07
N LYS B 319 -5.00 -19.35 20.82
CA LYS B 319 -5.50 -18.15 21.47
C LYS B 319 -6.96 -17.84 21.12
N LEU B 320 -7.30 -17.99 19.82
CA LEU B 320 -8.66 -17.77 19.38
C LEU B 320 -9.65 -18.73 19.99
N GLU B 321 -9.29 -20.01 19.96
CA GLU B 321 -10.08 -21.07 20.59
C GLU B 321 -10.46 -20.76 22.02
N ALA B 322 -9.45 -20.42 22.83
CA ALA B 322 -9.69 -20.11 24.24
C ALA B 322 -10.62 -18.93 24.39
N VAL B 323 -10.37 -17.87 23.62
CA VAL B 323 -11.26 -16.71 23.70
C VAL B 323 -12.68 -17.06 23.22
N MET B 324 -12.77 -17.87 22.18
CA MET B 324 -14.06 -18.14 21.62
C MET B 324 -14.87 -19.03 22.55
N LYS B 325 -14.17 -19.99 23.15
CA LYS B 325 -14.76 -20.91 24.11
C LYS B 325 -15.25 -20.13 25.27
N HIS B 326 -14.40 -19.27 25.81
CA HIS B 326 -14.82 -18.41 26.88
C HIS B 326 -16.11 -17.61 26.56
N LEU B 327 -16.34 -17.21 25.31
CA LEU B 327 -17.57 -16.56 24.92
C LEU B 327 -18.65 -17.51 24.37
N ASN B 328 -18.46 -18.82 24.47
CA ASN B 328 -19.45 -19.78 23.92
C ASN B 328 -19.74 -19.58 22.48
N LEU B 329 -18.69 -19.35 21.71
CA LEU B 329 -18.83 -19.25 20.29
C LEU B 329 -18.50 -20.58 19.65
N ILE B 330 -17.92 -21.50 20.41
CA ILE B 330 -17.70 -22.87 19.94
C ILE B 330 -18.01 -23.87 21.07
MN MN C . 15.18 4.26 -28.47
MN MN D . 29.75 1.60 -13.83
MN MN E . 2.20 -2.63 -12.55
MN MN F . 1.59 -0.43 -13.01
MN MN G . -9.51 -4.75 -7.33
MN MN H . -8.44 -6.71 -6.39
MN MN I . -22.72 -16.55 13.75
#